data_7WJJ
#
_entry.id   7WJJ
#
_cell.length_a   76.909
_cell.length_b   83.885
_cell.length_c   62.405
_cell.angle_alpha   90.00
_cell.angle_beta   100.50
_cell.angle_gamma   90.00
#
_symmetry.space_group_name_H-M   'C 1 2 1'
#
loop_
_entity.id
_entity.type
_entity.pdbx_description
1 polymer '4-hydroxyphenylpyruvate dioxygenase'
2 non-polymer 'COBALT (II) ION'
3 non-polymer 2-[1,5-dimethyl-2,4-bis(oxidanylidene)-6-(2-oxidanyl-6-oxidanylidene-cyclohexen-1-yl)carbonyl-quinazolin-3-yl]-N-(2-pyren-1-yloxyethyl)ethanamide
4 water water
#
_entity_poly.entity_id   1
_entity_poly.type   'polypeptide(L)'
_entity_poly.pdbx_seq_one_letter_code
;GSHMVRKNPKSDKFKVKRFHHIEFWCGDATNVARRFSWGLGMRFSAKSDLSTGNMVHASYLLTSGDLRFLFTAPYSPSLS
AGEIKPTTTASIPSFDHGSCRSFFSSHGLGVRAVAIEVEDAESAFSISVANGAIPSSPPIVLNEAVTIAEVKLYGDVVLR
YVSYKAEDTEKSEFLPGFERVEDASSFPLDYGIRRLDHAVGNVPELGPALTYVAGFTGFHQFAEFTADDVGTAESGLNSA
VLASNDEMVLLPINEPVHGTKRKSQIQTYLEHNEGAGLQHLALMSEDIFRTLREMRKRSSIGGFDFMPSPPPTYYQNLKK
RVGDVLSDDQIKECEELGILVDRDDQGTLLQIFTKPLGDRPTIFIEIIQRVGCMMKDEEGKAYQSGGCGGFGKGNFSELF
KSIEEYEKTLEAKQLVG
;
_entity_poly.pdbx_strand_id   A
#
loop_
_chem_comp.id
_chem_comp.type
_chem_comp.name
_chem_comp.formula
0I0 non-polymer 2-[1,5-dimethyl-2,4-bis(oxidanylidene)-6-(2-oxidanyl-6-oxidanylidene-cyclohexen-1-yl)carbonyl-quinazolin-3-yl]-N-(2-pyren-1-yloxyethyl)ethanamide 'C37 H31 N3 O7'
CO non-polymer 'COBALT (II) ION' 'Co 2'
#
# COMPACT_ATOMS: atom_id res chain seq x y z
N LYS A 7 0.73 -18.24 -16.80
CA LYS A 7 2.15 -18.35 -17.11
C LYS A 7 2.98 -17.40 -16.26
N ASN A 8 4.07 -17.91 -15.71
CA ASN A 8 4.96 -17.13 -14.84
C ASN A 8 6.39 -17.44 -15.23
N PRO A 9 7.05 -16.55 -15.99
CA PRO A 9 8.42 -16.81 -16.45
C PRO A 9 9.48 -16.70 -15.36
N LYS A 10 9.13 -16.18 -14.18
CA LYS A 10 10.06 -16.04 -13.06
C LYS A 10 11.34 -15.31 -13.50
N SER A 11 11.13 -14.09 -13.99
CA SER A 11 12.18 -13.32 -14.65
C SER A 11 12.76 -12.21 -13.76
N ASP A 12 12.53 -12.25 -12.45
CA ASP A 12 13.09 -11.25 -11.54
C ASP A 12 14.59 -11.11 -11.76
N LYS A 13 15.04 -9.88 -11.94
CA LYS A 13 16.47 -9.67 -12.18
C LYS A 13 17.29 -9.68 -10.90
N PHE A 14 16.64 -9.74 -9.73
CA PHE A 14 17.33 -9.87 -8.45
C PHE A 14 16.37 -10.52 -7.47
N LYS A 15 16.92 -11.05 -6.39
CA LYS A 15 16.13 -11.83 -5.45
C LYS A 15 15.28 -10.89 -4.59
N VAL A 16 13.96 -11.01 -4.72
CA VAL A 16 12.99 -10.22 -3.98
C VAL A 16 12.34 -11.12 -2.94
N LYS A 17 12.14 -10.59 -1.73
CA LYS A 17 11.50 -11.39 -0.69
C LYS A 17 10.04 -10.97 -0.53
N ARG A 18 9.74 -10.05 0.36
CA ARG A 18 8.35 -9.63 0.57
C ARG A 18 8.30 -8.12 0.66
N PHE A 19 7.09 -7.57 0.56
CA PHE A 19 6.88 -6.19 0.98
C PHE A 19 7.44 -6.01 2.38
N HIS A 20 8.14 -4.88 2.60
CA HIS A 20 8.76 -4.61 3.88
C HIS A 20 8.05 -3.50 4.65
N HIS A 21 7.85 -2.35 4.03
CA HIS A 21 7.11 -1.29 4.70
C HIS A 21 6.59 -0.31 3.66
N ILE A 22 5.70 0.56 4.10
CA ILE A 22 5.16 1.66 3.30
C ILE A 22 5.45 2.92 4.08
N GLU A 23 6.06 3.92 3.44
CA GLU A 23 6.33 5.18 4.10
C GLU A 23 5.45 6.30 3.54
N PHE A 24 4.71 6.94 4.45
CA PHE A 24 3.94 8.13 4.17
C PHE A 24 4.79 9.37 4.46
N TRP A 25 4.77 10.31 3.54
CA TRP A 25 5.35 11.62 3.82
C TRP A 25 4.22 12.56 4.24
N CYS A 26 4.44 13.22 5.38
CA CYS A 26 3.42 13.90 6.16
C CYS A 26 3.87 15.32 6.43
N GLY A 27 2.89 16.15 6.81
CA GLY A 27 3.23 17.43 7.38
C GLY A 27 3.53 17.31 8.85
N ASP A 28 2.70 16.55 9.56
CA ASP A 28 2.89 16.25 10.97
C ASP A 28 2.73 14.74 11.12
N ALA A 29 3.84 14.06 11.39
CA ALA A 29 3.80 12.59 11.44
C ALA A 29 3.02 12.10 12.66
N THR A 30 3.09 12.84 13.77
CA THR A 30 2.45 12.41 15.02
C THR A 30 0.95 12.26 14.84
N ASN A 31 0.30 13.28 14.25
CA ASN A 31 -1.14 13.24 14.15
C ASN A 31 -1.62 12.20 13.14
N VAL A 32 -0.91 12.05 12.01
CA VAL A 32 -1.30 11.03 11.05
C VAL A 32 -1.10 9.65 11.66
N ALA A 33 0.06 9.43 12.31
CA ALA A 33 0.31 8.11 12.89
C ALA A 33 -0.72 7.77 13.96
N ARG A 34 -1.07 8.73 14.83
CA ARG A 34 -2.04 8.41 15.87
C ARG A 34 -3.42 8.12 15.28
N ARG A 35 -3.82 8.88 14.26
CA ARG A 35 -5.09 8.61 13.61
C ARG A 35 -5.10 7.22 12.98
N PHE A 36 -4.05 6.89 12.22
CA PHE A 36 -3.98 5.58 11.58
C PHE A 36 -3.94 4.45 12.60
N SER A 37 -3.23 4.64 13.72
CA SER A 37 -3.11 3.58 14.72
C SER A 37 -4.49 3.19 15.22
N TRP A 38 -5.27 4.19 15.60
CA TRP A 38 -6.62 3.96 16.11
C TRP A 38 -7.55 3.45 15.01
N GLY A 39 -7.47 4.01 13.81
CA GLY A 39 -8.40 3.62 12.76
C GLY A 39 -8.18 2.20 12.22
N LEU A 40 -6.93 1.73 12.19
CA LEU A 40 -6.58 0.46 11.57
C LEU A 40 -6.18 -0.61 12.59
N GLY A 41 -6.01 -0.24 13.86
CA GLY A 41 -5.61 -1.21 14.86
C GLY A 41 -4.16 -1.59 14.73
N MET A 42 -3.29 -0.61 14.59
CA MET A 42 -1.86 -0.85 14.47
C MET A 42 -1.16 -0.29 15.71
N ARG A 43 -0.15 -1.01 16.16
CA ARG A 43 0.58 -0.66 17.37
CA ARG A 43 0.56 -0.64 17.38
C ARG A 43 1.75 0.24 17.03
N PHE A 44 2.02 1.22 17.90
CA PHE A 44 3.23 2.02 17.80
C PHE A 44 4.42 1.15 18.17
N SER A 45 5.31 0.90 17.20
CA SER A 45 6.38 -0.08 17.34
C SER A 45 7.78 0.52 17.45
N ALA A 46 8.06 1.62 16.74
CA ALA A 46 9.41 2.16 16.74
C ALA A 46 9.34 3.64 16.41
N LYS A 47 10.40 4.36 16.78
CA LYS A 47 10.46 5.80 16.51
C LYS A 47 11.89 6.22 16.19
N SER A 48 11.99 7.31 15.44
CA SER A 48 13.25 8.00 15.22
C SER A 48 12.86 9.48 15.16
N ASP A 49 13.32 10.26 16.13
CA ASP A 49 12.86 11.64 16.26
C ASP A 49 13.80 12.37 17.21
N LEU A 50 13.41 13.55 17.68
CA LEU A 50 14.31 14.32 18.54
C LEU A 50 14.73 13.51 19.77
N SER A 51 13.83 12.71 20.31
CA SER A 51 14.14 11.94 21.52
C SER A 51 15.15 10.84 21.27
N THR A 52 15.40 10.45 20.01
CA THR A 52 16.42 9.46 19.67
C THR A 52 17.64 10.11 19.03
N GLY A 53 17.72 11.44 19.05
CA GLY A 53 18.85 12.16 18.50
C GLY A 53 18.72 12.58 17.05
N ASN A 54 17.57 12.33 16.43
CA ASN A 54 17.35 12.68 15.01
C ASN A 54 16.87 14.12 14.95
N MET A 55 17.72 15.02 14.44
CA MET A 55 17.43 16.44 14.34
C MET A 55 16.84 16.82 13.00
N VAL A 56 16.63 15.83 12.12
CA VAL A 56 16.27 16.06 10.73
C VAL A 56 14.80 15.76 10.48
N HIS A 57 14.35 14.57 10.87
CA HIS A 57 12.99 14.15 10.58
C HIS A 57 12.41 13.39 11.75
N ALA A 58 11.07 13.45 11.86
CA ALA A 58 10.31 12.67 12.82
C ALA A 58 9.70 11.49 12.08
N SER A 59 10.00 10.27 12.52
CA SER A 59 9.51 9.06 11.86
C SER A 59 8.93 8.10 12.89
N TYR A 60 7.69 7.69 12.69
CA TYR A 60 7.00 6.80 13.62
C TYR A 60 6.51 5.57 12.88
N LEU A 61 6.79 4.39 13.42
CA LEU A 61 6.46 3.13 12.80
C LEU A 61 5.29 2.48 13.50
N LEU A 62 4.26 2.14 12.73
CA LEU A 62 3.12 1.35 13.18
C LEU A 62 3.18 -0.04 12.60
N THR A 63 2.77 -1.05 13.38
CA THR A 63 2.80 -2.41 12.88
C THR A 63 1.51 -3.14 13.21
N SER A 64 1.10 -4.03 12.31
CA SER A 64 0.03 -4.97 12.60
C SER A 64 0.43 -6.25 11.90
N GLY A 65 0.80 -7.27 12.66
CA GLY A 65 1.37 -8.45 12.04
C GLY A 65 2.66 -8.09 11.34
N ASP A 66 2.73 -8.42 10.05
CA ASP A 66 3.88 -8.10 9.22
C ASP A 66 3.71 -6.79 8.47
N LEU A 67 2.56 -6.12 8.63
CA LEU A 67 2.34 -4.83 7.98
C LEU A 67 3.10 -3.74 8.74
N ARG A 68 3.86 -2.94 8.00
CA ARG A 68 4.65 -1.86 8.59
C ARG A 68 4.30 -0.57 7.87
N PHE A 69 3.71 0.38 8.60
CA PHE A 69 3.44 1.73 8.09
C PHE A 69 4.36 2.71 8.79
N LEU A 70 5.14 3.46 8.01
CA LEU A 70 6.04 4.46 8.55
C LEU A 70 5.51 5.85 8.18
N PHE A 71 5.50 6.77 9.15
CA PHE A 71 5.02 8.14 8.97
C PHE A 71 6.16 9.10 9.27
N THR A 72 6.52 9.93 8.28
CA THR A 72 7.69 10.79 8.40
C THR A 72 7.35 12.21 8.03
N ALA A 73 7.86 13.15 8.82
CA ALA A 73 7.72 14.58 8.55
C ALA A 73 9.04 15.28 8.83
N PRO A 74 9.31 16.40 8.17
CA PRO A 74 10.56 17.13 8.42
C PRO A 74 10.42 18.08 9.60
N TYR A 75 11.51 18.21 10.36
CA TYR A 75 11.65 19.30 11.33
C TYR A 75 12.09 20.56 10.63
N SER A 76 12.19 21.66 11.37
CA SER A 76 12.83 22.86 10.83
C SER A 76 14.24 22.52 10.36
N PRO A 77 14.62 22.91 9.14
CA PRO A 77 16.02 22.70 8.72
C PRO A 77 17.02 23.34 9.66
N SER A 78 16.63 24.38 10.40
CA SER A 78 17.56 25.05 11.29
C SER A 78 18.15 24.10 12.33
N LEU A 79 17.40 23.06 12.73
CA LEU A 79 17.91 22.17 13.77
C LEU A 79 19.12 21.39 13.31
N SER A 80 19.27 21.20 11.99
CA SER A 80 20.33 20.38 11.44
C SER A 80 21.20 21.17 10.48
N ALA A 81 21.12 22.50 10.53
CA ALA A 81 21.78 23.34 9.54
C ALA A 81 23.30 23.16 9.53
N GLY A 82 23.88 22.74 10.64
CA GLY A 82 25.32 22.49 10.70
C GLY A 82 25.74 21.11 10.24
N GLU A 83 24.80 20.21 10.02
CA GLU A 83 25.14 18.87 9.56
C GLU A 83 25.46 18.86 8.07
N ILE A 84 26.24 17.86 7.67
CA ILE A 84 26.40 17.46 6.28
C ILE A 84 26.05 15.98 6.20
N LYS A 85 25.96 15.45 4.98
CA LYS A 85 25.58 14.05 4.88
C LYS A 85 26.50 13.14 5.68
N PRO A 86 27.84 13.32 5.65
CA PRO A 86 28.70 12.50 6.51
C PRO A 86 28.43 12.60 8.00
N THR A 87 27.85 13.71 8.48
CA THR A 87 27.57 13.90 9.91
C THR A 87 26.07 13.91 10.21
N THR A 88 25.23 13.37 9.33
CA THR A 88 23.79 13.51 9.50
C THR A 88 23.30 12.74 10.74
N THR A 89 22.26 13.30 11.38
CA THR A 89 21.54 12.59 12.42
C THR A 89 20.24 11.96 11.91
N ALA A 90 19.93 12.11 10.62
CA ALA A 90 18.82 11.37 10.02
C ALA A 90 19.04 9.88 10.08
N SER A 91 18.00 9.13 10.40
CA SER A 91 18.06 7.68 10.38
C SER A 91 17.73 7.12 9.00
N ILE A 92 17.07 7.90 8.16
CA ILE A 92 16.81 7.47 6.80
C ILE A 92 17.62 8.38 5.88
N PRO A 93 18.78 7.93 5.41
CA PRO A 93 19.70 8.87 4.72
C PRO A 93 19.17 9.41 3.42
N SER A 94 18.17 8.77 2.80
CA SER A 94 17.55 9.33 1.61
C SER A 94 16.67 10.53 1.90
N PHE A 95 16.33 10.80 3.16
CA PHE A 95 15.43 11.89 3.45
C PHE A 95 16.05 13.22 3.08
N ASP A 96 15.23 14.12 2.53
CA ASP A 96 15.63 15.47 2.21
C ASP A 96 14.49 16.42 2.56
N HIS A 97 14.79 17.47 3.33
CA HIS A 97 13.74 18.43 3.73
C HIS A 97 13.01 18.99 2.52
N GLY A 98 13.76 19.50 1.55
CA GLY A 98 13.13 20.10 0.37
C GLY A 98 12.27 19.12 -0.39
N SER A 99 12.78 17.89 -0.60
CA SER A 99 12.01 16.88 -1.32
C SER A 99 10.72 16.58 -0.59
N CYS A 100 10.80 16.44 0.74
CA CYS A 100 9.63 16.08 1.52
C CYS A 100 8.61 17.21 1.50
N ARG A 101 9.04 18.44 1.70
CA ARG A 101 8.09 19.55 1.64
C ARG A 101 7.49 19.70 0.25
N SER A 102 8.32 19.53 -0.80
CA SER A 102 7.83 19.63 -2.18
C SER A 102 6.82 18.53 -2.48
N PHE A 103 7.12 17.31 -2.05
CA PHE A 103 6.20 16.19 -2.23
C PHE A 103 4.86 16.49 -1.58
N PHE A 104 4.88 16.94 -0.33
CA PHE A 104 3.64 17.13 0.41
C PHE A 104 2.86 18.33 -0.13
N SER A 105 3.56 19.42 -0.47
CA SER A 105 2.85 20.54 -1.06
C SER A 105 2.22 20.17 -2.39
N SER A 106 2.89 19.31 -3.18
CA SER A 106 2.38 18.93 -4.49
C SER A 106 1.21 17.95 -4.37
N HIS A 107 1.41 16.89 -3.59
CA HIS A 107 0.51 15.74 -3.62
C HIS A 107 -0.41 15.62 -2.41
N GLY A 108 -0.14 16.36 -1.34
CA GLY A 108 -0.80 16.16 -0.06
C GLY A 108 -0.29 14.86 0.57
N LEU A 109 -0.97 14.44 1.65
CA LEU A 109 -0.60 13.23 2.37
C LEU A 109 -0.67 12.00 1.47
N GLY A 110 0.42 11.22 1.44
CA GLY A 110 0.45 10.09 0.53
C GLY A 110 1.72 9.28 0.71
N VAL A 111 1.81 8.22 -0.08
CA VAL A 111 2.94 7.30 0.01
C VAL A 111 4.10 7.82 -0.81
N ARG A 112 5.24 7.99 -0.14
CA ARG A 112 6.51 8.28 -0.78
C ARG A 112 7.24 7.02 -1.18
N ALA A 113 7.26 6.01 -0.31
CA ALA A 113 8.10 4.84 -0.58
C ALA A 113 7.31 3.55 -0.43
N VAL A 114 7.40 2.69 -1.44
CA VAL A 114 6.95 1.31 -1.39
C VAL A 114 8.22 0.49 -1.20
N ALA A 115 8.39 -0.11 -0.02
CA ALA A 115 9.66 -0.75 0.30
C ALA A 115 9.52 -2.25 0.25
N ILE A 116 10.43 -2.90 -0.48
CA ILE A 116 10.49 -4.35 -0.55
C ILE A 116 11.81 -4.82 0.03
N GLU A 117 11.78 -5.95 0.73
CA GLU A 117 13.03 -6.54 1.20
C GLU A 117 13.60 -7.38 0.08
N VAL A 118 14.91 -7.25 -0.12
CA VAL A 118 15.63 -8.00 -1.15
C VAL A 118 16.83 -8.66 -0.50
N GLU A 119 17.49 -9.53 -1.27
CA GLU A 119 18.66 -10.21 -0.73
C GLU A 119 19.82 -9.23 -0.54
N ASP A 120 19.98 -8.29 -1.47
CA ASP A 120 21.15 -7.41 -1.48
C ASP A 120 20.69 -6.11 -2.15
N ALA A 121 20.46 -5.08 -1.33
CA ALA A 121 19.93 -3.82 -1.83
C ALA A 121 20.91 -3.14 -2.77
N GLU A 122 22.22 -3.31 -2.54
CA GLU A 122 23.20 -2.72 -3.44
C GLU A 122 23.12 -3.35 -4.82
N SER A 123 23.02 -4.68 -4.90
CA SER A 123 22.90 -5.33 -6.20
C SER A 123 21.56 -5.03 -6.85
N ALA A 124 20.47 -5.03 -6.08
CA ALA A 124 19.18 -4.67 -6.67
C ALA A 124 19.22 -3.28 -7.28
N PHE A 125 19.84 -2.32 -6.58
CA PHE A 125 19.94 -0.97 -7.11
C PHE A 125 20.76 -0.97 -8.40
N SER A 126 21.92 -1.60 -8.37
CA SER A 126 22.81 -1.60 -9.54
C SER A 126 22.15 -2.28 -10.74
N ILE A 127 21.57 -3.45 -10.52
CA ILE A 127 20.88 -4.15 -11.59
C ILE A 127 19.70 -3.33 -12.09
N SER A 128 18.93 -2.73 -11.16
CA SER A 128 17.80 -1.92 -11.60
C SER A 128 18.24 -0.77 -12.51
N VAL A 129 19.27 -0.03 -12.08
CA VAL A 129 19.68 1.15 -12.84
C VAL A 129 20.32 0.72 -14.16
N ALA A 130 21.03 -0.41 -14.14
CA ALA A 130 21.57 -0.95 -15.39
C ALA A 130 20.47 -1.31 -16.37
N ASN A 131 19.27 -1.58 -15.87
CA ASN A 131 18.12 -1.96 -16.70
C ASN A 131 17.07 -0.86 -16.78
N GLY A 132 17.47 0.40 -16.61
CA GLY A 132 16.62 1.52 -16.94
C GLY A 132 16.01 2.25 -15.76
N ALA A 133 16.14 1.75 -14.54
CA ALA A 133 15.57 2.45 -13.39
C ALA A 133 16.23 3.80 -13.22
N ILE A 134 15.42 4.81 -12.92
CA ILE A 134 15.93 6.15 -12.61
C ILE A 134 16.36 6.15 -11.15
N PRO A 135 17.64 6.36 -10.87
CA PRO A 135 18.09 6.34 -9.47
C PRO A 135 17.49 7.49 -8.66
N SER A 136 17.12 7.19 -7.42
CA SER A 136 16.62 8.21 -6.52
C SER A 136 17.52 8.41 -5.30
N SER A 137 18.02 7.33 -4.71
CA SER A 137 18.96 7.43 -3.61
C SER A 137 19.90 6.23 -3.67
N PRO A 138 21.21 6.43 -3.65
CA PRO A 138 22.15 5.33 -3.86
C PRO A 138 22.20 4.44 -2.64
N PRO A 139 22.73 3.22 -2.79
CA PRO A 139 22.79 2.31 -1.64
C PRO A 139 23.64 2.91 -0.53
N ILE A 140 23.11 2.88 0.68
CA ILE A 140 23.81 3.35 1.86
C ILE A 140 23.71 2.25 2.91
N VAL A 141 24.85 1.91 3.51
CA VAL A 141 24.90 0.88 4.54
C VAL A 141 24.75 1.55 5.90
N LEU A 142 23.75 1.10 6.66
CA LEU A 142 23.43 1.68 7.96
C LEU A 142 23.98 0.76 9.06
N ASN A 143 24.87 1.32 9.90
CA ASN A 143 25.47 0.60 11.04
C ASN A 143 26.00 -0.78 10.65
N GLU A 144 26.51 -0.89 9.42
CA GLU A 144 27.07 -2.13 8.90
C GLU A 144 26.07 -3.28 8.95
N ALA A 145 24.78 -2.98 8.96
CA ALA A 145 23.77 -3.99 9.25
C ALA A 145 22.65 -4.03 8.23
N VAL A 146 22.24 -2.90 7.69
CA VAL A 146 21.13 -2.80 6.76
C VAL A 146 21.56 -1.93 5.59
N THR A 147 21.19 -2.32 4.37
CA THR A 147 21.43 -1.48 3.21
C THR A 147 20.09 -1.02 2.63
N ILE A 148 20.02 0.26 2.27
CA ILE A 148 18.80 0.85 1.73
C ILE A 148 19.16 1.59 0.45
N ALA A 149 18.32 1.45 -0.57
CA ALA A 149 18.50 2.15 -1.84
C ALA A 149 17.13 2.42 -2.43
N GLU A 150 17.04 3.41 -3.31
CA GLU A 150 15.76 3.85 -3.85
C GLU A 150 15.87 4.18 -5.33
N VAL A 151 14.89 3.73 -6.11
CA VAL A 151 14.74 4.11 -7.50
C VAL A 151 13.32 4.63 -7.72
N LYS A 152 13.14 5.41 -8.79
CA LYS A 152 11.82 5.94 -9.07
C LYS A 152 10.88 4.83 -9.52
N LEU A 153 9.66 4.83 -8.96
CA LEU A 153 8.62 3.87 -9.35
C LEU A 153 7.63 4.51 -10.32
N TYR A 154 6.91 5.53 -9.88
CA TYR A 154 6.06 6.36 -10.73
C TYR A 154 5.79 7.65 -9.96
N GLY A 155 5.55 8.73 -10.70
CA GLY A 155 5.40 10.03 -10.07
C GLY A 155 6.58 10.33 -9.16
N ASP A 156 6.28 10.75 -7.93
CA ASP A 156 7.28 10.96 -6.90
C ASP A 156 7.32 9.82 -5.89
N VAL A 157 6.80 8.65 -6.26
CA VAL A 157 6.86 7.46 -5.43
C VAL A 157 8.12 6.70 -5.79
N VAL A 158 8.84 6.24 -4.78
CA VAL A 158 10.05 5.44 -5.00
C VAL A 158 9.80 3.99 -4.61
N LEU A 159 10.49 3.09 -5.30
CA LEU A 159 10.63 1.71 -4.88
C LEU A 159 11.90 1.62 -4.05
N ARG A 160 11.74 1.29 -2.78
CA ARG A 160 12.85 1.25 -1.84
C ARG A 160 13.28 -0.19 -1.63
N TYR A 161 14.56 -0.46 -1.83
CA TYR A 161 15.13 -1.77 -1.55
C TYR A 161 15.75 -1.75 -0.17
N VAL A 162 15.46 -2.78 0.63
CA VAL A 162 16.05 -2.93 1.95
C VAL A 162 16.59 -4.34 2.05
N SER A 163 17.84 -4.48 2.52
CA SER A 163 18.41 -5.81 2.75
C SER A 163 19.12 -5.82 4.08
N TYR A 164 19.05 -6.96 4.77
CA TYR A 164 19.58 -7.11 6.12
C TYR A 164 20.69 -8.15 6.11
N LYS A 165 21.79 -7.84 6.80
CA LYS A 165 22.87 -8.81 6.95
C LYS A 165 22.40 -10.02 7.75
N ALA A 166 21.85 -9.78 8.95
CA ALA A 166 21.38 -10.87 9.78
C ALA A 166 19.93 -11.22 9.49
N GLU A 173 14.60 -2.93 15.69
CA GLU A 173 15.25 -3.73 14.67
C GLU A 173 14.72 -3.38 13.28
N PHE A 174 13.90 -2.33 13.19
CA PHE A 174 13.39 -1.86 11.91
C PHE A 174 14.55 -1.36 11.08
N LEU A 175 15.13 -0.24 11.49
CA LEU A 175 16.34 0.31 10.91
C LEU A 175 17.22 0.78 12.05
N PRO A 176 18.54 0.79 11.85
CA PRO A 176 19.42 1.36 12.86
C PRO A 176 19.05 2.81 13.14
N GLY A 177 19.19 3.21 14.39
CA GLY A 177 18.78 4.53 14.79
C GLY A 177 17.33 4.65 15.19
N PHE A 178 16.50 3.66 14.86
CA PHE A 178 15.14 3.62 15.38
C PHE A 178 15.17 2.93 16.74
N GLU A 179 14.33 3.41 17.64
CA GLU A 179 14.20 2.84 18.97
C GLU A 179 12.83 2.22 19.13
N ARG A 180 12.80 1.07 19.81
CA ARG A 180 11.56 0.43 20.18
C ARG A 180 10.75 1.34 21.11
N VAL A 181 9.44 1.34 20.94
CA VAL A 181 8.59 2.26 21.69
C VAL A 181 8.31 1.66 23.06
N GLU A 182 8.65 2.43 24.10
CA GLU A 182 8.15 2.28 25.46
C GLU A 182 6.78 1.58 25.46
N ASP A 183 6.64 0.49 26.19
CA ASP A 183 5.36 -0.21 26.10
C ASP A 183 4.21 0.51 26.82
N ALA A 184 4.51 1.52 27.62
CA ALA A 184 3.45 2.37 28.16
C ALA A 184 2.79 3.17 27.03
N SER A 185 3.58 3.60 26.04
CA SER A 185 3.05 4.28 24.88
C SER A 185 2.70 3.32 23.75
N SER A 186 2.82 2.01 23.95
CA SER A 186 2.60 1.01 22.91
C SER A 186 1.43 0.12 23.29
N PHE A 187 0.22 0.62 23.05
CA PHE A 187 -1.01 -0.10 23.35
C PHE A 187 -1.22 -1.20 22.30
N PRO A 188 -1.53 -2.43 22.71
CA PRO A 188 -1.50 -3.56 21.75
C PRO A 188 -2.78 -3.68 20.94
N LEU A 189 -3.11 -2.63 20.19
CA LEU A 189 -4.25 -2.70 19.29
C LEU A 189 -4.03 -3.76 18.21
N ASP A 190 -5.11 -4.42 17.80
CA ASP A 190 -5.02 -5.40 16.73
C ASP A 190 -6.44 -5.69 16.25
N TYR A 191 -6.75 -5.30 15.01
CA TYR A 191 -8.05 -5.60 14.43
C TYR A 191 -7.98 -6.73 13.41
N GLY A 192 -6.84 -7.42 13.31
CA GLY A 192 -6.71 -8.55 12.41
C GLY A 192 -5.89 -8.31 11.16
N ILE A 193 -5.41 -7.11 10.92
CA ILE A 193 -4.62 -6.89 9.71
C ILE A 193 -3.24 -7.50 9.86
N ARG A 194 -2.76 -8.15 8.79
CA ARG A 194 -1.55 -8.96 8.92
C ARG A 194 -0.46 -8.66 7.91
N ARG A 195 -0.78 -8.19 6.70
CA ARG A 195 0.31 -7.90 5.78
C ARG A 195 -0.21 -7.05 4.61
N LEU A 196 0.73 -6.44 3.88
CA LEU A 196 0.40 -5.75 2.64
C LEU A 196 0.23 -6.78 1.52
N ASP A 197 -0.95 -6.80 0.92
CA ASP A 197 -1.17 -7.71 -0.20
C ASP A 197 -0.72 -7.12 -1.53
N HIS A 198 -1.06 -5.86 -1.79
CA HIS A 198 -0.62 -5.22 -3.03
C HIS A 198 -0.72 -3.71 -2.88
N ALA A 199 0.00 -3.01 -3.76
CA ALA A 199 0.11 -1.57 -3.74
C ALA A 199 -0.08 -1.09 -5.17
N VAL A 200 -0.99 -0.14 -5.37
CA VAL A 200 -1.53 0.19 -6.69
C VAL A 200 -1.19 1.63 -7.03
N GLY A 201 -0.63 1.84 -8.23
CA GLY A 201 -0.34 3.17 -8.71
C GLY A 201 -1.29 3.63 -9.79
N ASN A 202 -1.51 4.93 -9.86
CA ASN A 202 -2.26 5.57 -10.95
C ASN A 202 -1.28 6.37 -11.80
N VAL A 203 -1.37 6.20 -13.11
CA VAL A 203 -0.49 6.90 -14.05
C VAL A 203 -1.35 7.42 -15.20
N PRO A 204 -0.85 8.41 -15.94
CA PRO A 204 -1.57 8.85 -17.15
C PRO A 204 -1.53 7.82 -18.27
N GLU A 205 -0.43 7.08 -18.42
CA GLU A 205 -0.26 6.13 -19.52
C GLU A 205 0.27 4.79 -18.99
N LEU A 206 -0.57 3.76 -19.07
CA LEU A 206 -0.23 2.46 -18.50
C LEU A 206 0.94 1.81 -19.22
N GLY A 207 0.94 1.85 -20.55
CA GLY A 207 1.94 1.17 -21.34
C GLY A 207 3.36 1.53 -20.94
N PRO A 208 3.72 2.81 -21.02
CA PRO A 208 5.07 3.23 -20.65
C PRO A 208 5.40 2.94 -19.20
N ALA A 209 4.42 3.03 -18.29
CA ALA A 209 4.71 2.75 -16.90
C ALA A 209 5.04 1.27 -16.70
N LEU A 210 4.27 0.38 -17.34
CA LEU A 210 4.55 -1.04 -17.25
C LEU A 210 5.91 -1.37 -17.84
N THR A 211 6.20 -0.82 -19.02
CA THR A 211 7.47 -1.12 -19.67
C THR A 211 8.64 -0.71 -18.80
N TYR A 212 8.54 0.47 -18.17
CA TYR A 212 9.61 0.95 -17.30
C TYR A 212 9.82 0.03 -16.10
N VAL A 213 8.76 -0.23 -15.33
CA VAL A 213 8.93 -1.01 -14.10
C VAL A 213 9.31 -2.45 -14.40
N ALA A 214 8.57 -3.10 -15.29
CA ALA A 214 8.93 -4.46 -15.66
C ALA A 214 10.34 -4.51 -16.25
N GLY A 215 10.74 -3.42 -16.92
CA GLY A 215 12.07 -3.36 -17.52
C GLY A 215 13.19 -3.46 -16.50
N PHE A 216 13.09 -2.73 -15.39
CA PHE A 216 14.20 -2.75 -14.44
C PHE A 216 14.07 -3.80 -13.35
N THR A 217 12.87 -4.35 -13.12
CA THR A 217 12.70 -5.39 -12.10
C THR A 217 12.73 -6.80 -12.67
N GLY A 218 12.27 -6.98 -13.89
CA GLY A 218 11.96 -8.31 -14.36
C GLY A 218 10.66 -8.86 -13.83
N PHE A 219 9.87 -8.07 -13.13
CA PHE A 219 8.55 -8.52 -12.73
C PHE A 219 7.71 -8.84 -13.96
N HIS A 220 6.87 -9.87 -13.85
CA HIS A 220 6.06 -10.32 -14.96
C HIS A 220 4.61 -9.88 -14.79
N GLN A 221 3.86 -9.94 -15.88
CA GLN A 221 2.45 -9.61 -15.83
C GLN A 221 1.67 -10.75 -15.18
N PHE A 222 0.92 -10.43 -14.13
CA PHE A 222 0.15 -11.41 -13.38
C PHE A 222 -1.15 -11.71 -14.10
N ALA A 223 -1.51 -12.99 -14.15
CA ALA A 223 -2.67 -13.44 -14.92
C ALA A 223 -3.98 -12.95 -14.30
N GLU A 224 -4.89 -12.47 -15.15
CA GLU A 224 -6.18 -11.98 -14.70
C GLU A 224 -7.31 -12.63 -15.49
N PHE A 225 -8.48 -12.70 -14.86
CA PHE A 225 -9.59 -13.60 -15.20
C PHE A 225 -9.21 -14.73 -16.16
N GLU A 234 -16.54 -0.37 -20.29
CA GLU A 234 -15.94 0.87 -19.84
C GLU A 234 -16.27 1.15 -18.38
N SER A 235 -15.25 1.04 -17.52
CA SER A 235 -15.38 1.34 -16.10
C SER A 235 -14.41 2.44 -15.68
N GLY A 236 -13.80 3.11 -16.65
CA GLY A 236 -12.98 4.27 -16.39
C GLY A 236 -11.50 4.00 -16.32
N LEU A 237 -11.06 2.75 -16.44
CA LEU A 237 -9.64 2.47 -16.28
C LEU A 237 -9.23 1.26 -17.10
N ASN A 238 -7.94 1.22 -17.41
CA ASN A 238 -7.23 0.03 -17.82
C ASN A 238 -6.17 -0.27 -16.78
N SER A 239 -5.96 -1.54 -16.47
CA SER A 239 -5.02 -1.90 -15.43
C SER A 239 -4.25 -3.15 -15.84
N ALA A 240 -3.08 -3.31 -15.22
CA ALA A 240 -2.30 -4.53 -15.33
C ALA A 240 -1.48 -4.66 -14.04
N VAL A 241 -1.08 -5.89 -13.72
CA VAL A 241 -0.42 -6.19 -12.46
C VAL A 241 0.96 -6.76 -12.72
N LEU A 242 1.97 -6.16 -12.11
CA LEU A 242 3.33 -6.70 -12.14
C LEU A 242 3.59 -7.49 -10.87
N ALA A 243 4.30 -8.61 -10.99
CA ALA A 243 4.47 -9.55 -9.89
C ALA A 243 5.89 -10.10 -9.86
N SER A 244 6.40 -10.32 -8.65
CA SER A 244 7.69 -10.96 -8.46
C SER A 244 7.59 -12.46 -8.74
N ASN A 245 8.72 -13.16 -8.59
CA ASN A 245 8.81 -14.57 -8.99
C ASN A 245 7.76 -15.43 -8.29
N ASP A 246 7.62 -15.29 -6.97
CA ASP A 246 6.62 -16.07 -6.25
C ASP A 246 5.30 -15.33 -6.14
N GLU A 247 5.16 -14.21 -6.83
CA GLU A 247 3.91 -13.45 -6.96
C GLU A 247 3.41 -12.97 -5.60
N MET A 248 4.34 -12.74 -4.68
CA MET A 248 4.00 -12.18 -3.38
C MET A 248 4.21 -10.66 -3.30
N VAL A 249 5.03 -10.10 -4.17
CA VAL A 249 5.08 -8.65 -4.37
C VAL A 249 4.23 -8.37 -5.61
N LEU A 250 3.14 -7.62 -5.42
CA LEU A 250 2.15 -7.38 -6.45
C LEU A 250 1.95 -5.89 -6.59
N LEU A 251 2.16 -5.38 -7.80
CA LEU A 251 2.13 -3.95 -8.09
C LEU A 251 1.21 -3.69 -9.27
N PRO A 252 -0.10 -3.59 -9.03
CA PRO A 252 -1.01 -3.15 -10.09
C PRO A 252 -0.78 -1.69 -10.44
N ILE A 253 -1.07 -1.37 -11.70
CA ILE A 253 -1.00 0.01 -12.20
C ILE A 253 -2.23 0.28 -13.05
N ASN A 254 -2.84 1.45 -12.86
CA ASN A 254 -4.04 1.88 -13.57
C ASN A 254 -3.74 3.09 -14.43
N GLU A 255 -4.44 3.18 -15.56
CA GLU A 255 -4.52 4.41 -16.34
C GLU A 255 -5.99 4.78 -16.54
N PRO A 256 -6.30 6.05 -16.76
CA PRO A 256 -7.71 6.42 -17.00
C PRO A 256 -8.15 5.99 -18.39
N VAL A 257 -9.46 5.79 -18.54
CA VAL A 257 -10.09 5.68 -19.85
C VAL A 257 -10.94 6.93 -20.04
N HIS A 258 -10.62 7.71 -21.06
CA HIS A 258 -11.24 9.02 -21.25
C HIS A 258 -12.52 8.90 -22.06
N GLY A 259 -13.40 9.88 -21.87
CA GLY A 259 -14.62 9.99 -22.64
C GLY A 259 -15.79 9.19 -22.14
N THR A 260 -15.71 8.64 -20.93
CA THR A 260 -16.81 7.88 -20.38
C THR A 260 -17.90 8.81 -19.86
N LYS A 261 -19.13 8.29 -19.80
CA LYS A 261 -20.27 9.04 -19.27
C LYS A 261 -19.95 9.55 -17.86
N ARG A 262 -19.46 8.67 -17.00
CA ARG A 262 -18.98 9.05 -15.67
C ARG A 262 -17.47 9.23 -15.72
N LYS A 263 -17.00 10.37 -15.23
CA LYS A 263 -15.57 10.70 -15.29
C LYS A 263 -14.75 9.64 -14.58
N SER A 264 -13.61 9.28 -15.19
CA SER A 264 -12.74 8.27 -14.60
C SER A 264 -12.21 8.72 -13.24
N GLN A 265 -12.38 7.85 -12.25
CA GLN A 265 -11.78 8.10 -10.94
C GLN A 265 -10.26 8.17 -11.03
N ILE A 266 -9.67 7.48 -12.01
CA ILE A 266 -8.22 7.60 -12.20
C ILE A 266 -7.85 9.02 -12.62
N GLN A 267 -8.63 9.61 -13.53
CA GLN A 267 -8.35 10.98 -13.95
C GLN A 267 -8.57 11.96 -12.81
N THR A 268 -9.64 11.80 -12.03
CA THR A 268 -9.83 12.64 -10.86
C THR A 268 -8.62 12.54 -9.93
N TYR A 269 -8.13 11.31 -9.71
CA TYR A 269 -6.94 11.13 -8.88
C TYR A 269 -5.79 11.96 -9.42
N LEU A 270 -5.49 11.80 -10.71
CA LEU A 270 -4.33 12.49 -11.29
C LEU A 270 -4.46 13.99 -11.16
N GLU A 271 -5.68 14.51 -11.28
CA GLU A 271 -5.88 15.95 -11.16
C GLU A 271 -5.63 16.41 -9.72
N HIS A 272 -6.25 15.73 -8.74
CA HIS A 272 -6.12 16.20 -7.36
C HIS A 272 -4.77 15.87 -6.77
N ASN A 273 -4.08 14.86 -7.28
CA ASN A 273 -2.75 14.47 -6.79
C ASN A 273 -1.63 15.23 -7.45
N GLU A 274 -1.92 16.04 -8.47
CA GLU A 274 -0.88 16.61 -9.32
C GLU A 274 -0.02 15.52 -9.94
N GLY A 275 -0.67 14.53 -10.54
CA GLY A 275 0.00 13.56 -11.36
C GLY A 275 -0.01 12.17 -10.75
N ALA A 276 0.82 11.31 -11.33
CA ALA A 276 0.91 9.91 -10.94
C ALA A 276 1.28 9.79 -9.47
N GLY A 277 0.80 8.69 -8.87
CA GLY A 277 1.15 8.39 -7.49
C GLY A 277 0.46 7.12 -7.05
N LEU A 278 0.64 6.81 -5.78
CA LEU A 278 0.05 5.58 -5.25
C LEU A 278 -1.44 5.79 -4.98
N GLN A 279 -2.27 4.92 -5.55
CA GLN A 279 -3.73 5.04 -5.41
C GLN A 279 -4.24 4.32 -4.18
N HIS A 280 -3.90 3.04 -3.99
CA HIS A 280 -4.39 2.39 -2.80
C HIS A 280 -3.45 1.29 -2.31
N LEU A 281 -3.57 1.00 -1.02
CA LEU A 281 -2.88 -0.09 -0.36
C LEU A 281 -3.92 -1.12 0.02
N ALA A 282 -3.68 -2.37 -0.37
CA ALA A 282 -4.58 -3.47 -0.02
C ALA A 282 -3.96 -4.26 1.12
N LEU A 283 -4.68 -4.31 2.24
CA LEU A 283 -4.15 -4.87 3.48
C LEU A 283 -4.87 -6.18 3.75
N MET A 284 -4.11 -7.26 3.83
CA MET A 284 -4.70 -8.57 4.12
C MET A 284 -5.05 -8.68 5.60
N SER A 285 -6.26 -9.15 5.85
CA SER A 285 -6.74 -9.48 7.19
C SER A 285 -6.85 -10.99 7.32
N GLU A 286 -6.47 -11.49 8.50
CA GLU A 286 -6.72 -12.90 8.79
C GLU A 286 -8.16 -13.16 9.22
N ASP A 287 -8.97 -12.11 9.35
CA ASP A 287 -10.37 -12.26 9.74
C ASP A 287 -11.06 -10.97 9.32
N ILE A 288 -11.47 -10.87 8.05
CA ILE A 288 -11.96 -9.61 7.53
C ILE A 288 -13.25 -9.19 8.23
N PHE A 289 -14.02 -10.16 8.74
CA PHE A 289 -15.22 -9.80 9.48
C PHE A 289 -14.85 -9.05 10.76
N ARG A 290 -13.89 -9.56 11.52
CA ARG A 290 -13.46 -8.86 12.72
C ARG A 290 -12.85 -7.51 12.37
N THR A 291 -12.02 -7.47 11.33
CA THR A 291 -11.38 -6.21 10.97
C THR A 291 -12.41 -5.14 10.66
N LEU A 292 -13.45 -5.50 9.90
CA LEU A 292 -14.43 -4.51 9.49
C LEU A 292 -15.36 -4.13 10.64
N ARG A 293 -15.73 -5.11 11.48
CA ARG A 293 -16.46 -4.75 12.70
C ARG A 293 -15.70 -3.70 13.49
N GLU A 294 -14.40 -3.92 13.69
CA GLU A 294 -13.60 -3.03 14.52
C GLU A 294 -13.39 -1.68 13.83
N MET A 295 -13.12 -1.68 12.53
CA MET A 295 -12.90 -0.42 11.84
C MET A 295 -14.18 0.39 11.74
N ARG A 296 -15.31 -0.27 11.49
CA ARG A 296 -16.56 0.47 11.35
C ARG A 296 -17.02 1.06 12.67
N LYS A 297 -16.74 0.38 13.79
CA LYS A 297 -17.04 0.94 15.10
C LYS A 297 -16.37 2.29 15.30
N ARG A 298 -15.21 2.48 14.68
CA ARG A 298 -14.40 3.66 14.92
C ARG A 298 -14.46 4.71 13.82
N SER A 299 -15.26 4.49 12.76
CA SER A 299 -15.28 5.42 11.61
C SER A 299 -15.54 6.86 12.02
N SER A 300 -16.51 7.09 12.89
CA SER A 300 -16.92 8.43 13.25
C SER A 300 -16.29 8.92 14.55
N ILE A 301 -15.36 8.15 15.12
CA ILE A 301 -14.64 8.54 16.32
C ILE A 301 -13.14 8.49 16.08
N GLY A 302 -12.72 8.96 14.91
CA GLY A 302 -11.33 9.19 14.57
C GLY A 302 -10.77 8.24 13.55
N GLY A 303 -11.50 7.18 13.20
CA GLY A 303 -11.01 6.15 12.29
C GLY A 303 -11.25 6.47 10.83
N PHE A 304 -11.50 5.42 10.04
CA PHE A 304 -11.69 5.52 8.61
C PHE A 304 -13.13 5.22 8.22
N ASP A 305 -13.61 5.91 7.21
CA ASP A 305 -14.92 5.70 6.62
C ASP A 305 -14.80 4.71 5.48
N PHE A 306 -15.92 4.07 5.16
CA PHE A 306 -15.95 3.12 4.06
C PHE A 306 -16.87 3.61 2.96
N MET A 307 -16.62 3.11 1.75
CA MET A 307 -17.45 3.36 0.59
C MET A 307 -18.90 3.00 0.91
N PRO A 308 -19.87 3.58 0.20
CA PRO A 308 -21.26 3.17 0.42
C PRO A 308 -21.45 1.70 0.10
N SER A 309 -22.28 1.02 0.89
CA SER A 309 -22.43 -0.41 0.73
C SER A 309 -23.24 -0.73 -0.52
N PRO A 310 -22.99 -1.85 -1.17
CA PRO A 310 -23.79 -2.23 -2.34
C PRO A 310 -25.22 -2.55 -1.91
N PRO A 311 -26.18 -2.46 -2.81
CA PRO A 311 -27.58 -2.71 -2.42
C PRO A 311 -27.82 -4.19 -2.13
N PRO A 312 -28.92 -4.52 -1.46
CA PRO A 312 -29.17 -5.93 -1.09
C PRO A 312 -29.24 -6.88 -2.27
N THR A 313 -29.58 -6.39 -3.46
CA THR A 313 -29.58 -7.23 -4.65
C THR A 313 -28.19 -7.82 -4.89
N TYR A 314 -27.15 -7.05 -4.60
CA TYR A 314 -25.79 -7.57 -4.71
C TYR A 314 -25.61 -8.80 -3.82
N TYR A 315 -26.15 -8.75 -2.60
CA TYR A 315 -25.94 -9.87 -1.69
C TYR A 315 -26.88 -11.03 -2.00
N GLN A 316 -28.04 -10.77 -2.59
CA GLN A 316 -28.86 -11.87 -3.09
C GLN A 316 -28.17 -12.56 -4.26
N ASN A 317 -27.52 -11.78 -5.13
CA ASN A 317 -26.80 -12.36 -6.26
C ASN A 317 -25.56 -13.13 -5.83
N LEU A 318 -25.13 -13.01 -4.58
CA LEU A 318 -23.94 -13.71 -4.14
C LEU A 318 -24.17 -15.21 -4.02
N LYS A 319 -25.42 -15.60 -3.70
CA LYS A 319 -25.72 -17.02 -3.55
C LYS A 319 -25.35 -17.80 -4.81
N LYS A 320 -25.77 -17.29 -5.98
CA LYS A 320 -25.46 -17.95 -7.24
C LYS A 320 -23.97 -17.92 -7.57
N ARG A 321 -23.23 -16.93 -7.06
CA ARG A 321 -21.84 -16.77 -7.47
C ARG A 321 -20.85 -17.43 -6.52
N VAL A 322 -21.11 -17.43 -5.21
CA VAL A 322 -20.12 -17.92 -4.25
C VAL A 322 -20.80 -18.76 -3.17
N GLY A 323 -22.04 -19.19 -3.44
CA GLY A 323 -22.77 -20.03 -2.50
C GLY A 323 -22.10 -21.35 -2.18
N ASP A 324 -21.12 -21.76 -2.98
CA ASP A 324 -20.32 -22.94 -2.68
C ASP A 324 -19.10 -22.64 -1.82
N VAL A 325 -18.83 -21.36 -1.56
CA VAL A 325 -17.67 -20.95 -0.77
C VAL A 325 -18.08 -20.34 0.55
N LEU A 326 -19.15 -19.55 0.56
CA LEU A 326 -19.66 -18.91 1.75
C LEU A 326 -21.05 -19.45 2.07
N SER A 327 -21.28 -19.74 3.35
CA SER A 327 -22.61 -20.10 3.81
C SER A 327 -23.54 -18.90 3.72
N ASP A 328 -24.84 -19.16 3.93
CA ASP A 328 -25.80 -18.07 3.98
C ASP A 328 -25.47 -17.10 5.09
N ASP A 329 -25.10 -17.61 6.27
CA ASP A 329 -24.75 -16.74 7.38
C ASP A 329 -23.51 -15.92 7.06
N GLN A 330 -22.49 -16.56 6.49
CA GLN A 330 -21.28 -15.85 6.10
C GLN A 330 -21.57 -14.82 5.02
N ILE A 331 -22.53 -15.10 4.14
CA ILE A 331 -22.99 -14.10 3.17
C ILE A 331 -23.72 -12.96 3.87
N LYS A 332 -24.58 -13.29 4.83
CA LYS A 332 -25.25 -12.26 5.60
C LYS A 332 -24.24 -11.42 6.37
N GLU A 333 -23.16 -12.05 6.85
CA GLU A 333 -22.12 -11.29 7.54
C GLU A 333 -21.42 -10.33 6.57
N CYS A 334 -21.20 -10.77 5.33
CA CYS A 334 -20.68 -9.85 4.31
C CYS A 334 -21.64 -8.68 4.10
N GLU A 335 -22.95 -8.96 4.13
CA GLU A 335 -23.92 -7.90 3.89
C GLU A 335 -23.95 -6.89 5.03
N GLU A 336 -23.85 -7.36 6.27
CA GLU A 336 -23.86 -6.44 7.42
C GLU A 336 -22.70 -5.47 7.35
N LEU A 337 -21.56 -5.92 6.83
CA LEU A 337 -20.33 -5.14 6.85
C LEU A 337 -20.04 -4.45 5.53
N GLY A 338 -20.86 -4.66 4.50
CA GLY A 338 -20.63 -4.03 3.21
C GLY A 338 -19.49 -4.63 2.41
N ILE A 339 -19.12 -5.86 2.69
CA ILE A 339 -17.99 -6.52 2.05
C ILE A 339 -18.36 -6.96 0.63
N LEU A 340 -17.44 -6.76 -0.31
CA LEU A 340 -17.58 -7.23 -1.68
C LEU A 340 -16.90 -8.58 -1.85
N VAL A 341 -17.41 -9.38 -2.79
CA VAL A 341 -16.88 -10.71 -3.06
C VAL A 341 -16.66 -10.86 -4.56
N ASP A 342 -15.49 -11.37 -4.94
CA ASP A 342 -15.22 -11.73 -6.32
C ASP A 342 -14.54 -13.08 -6.37
N ARG A 343 -14.54 -13.68 -7.56
CA ARG A 343 -14.03 -15.03 -7.73
C ARG A 343 -13.17 -15.11 -8.97
N ASP A 344 -12.06 -15.85 -8.85
CA ASP A 344 -11.18 -16.21 -9.95
C ASP A 344 -11.56 -17.59 -10.48
N ASP A 345 -10.69 -18.17 -11.29
CA ASP A 345 -10.71 -19.59 -11.58
C ASP A 345 -10.06 -20.41 -10.48
N GLN A 346 -9.33 -19.77 -9.57
CA GLN A 346 -8.59 -20.45 -8.53
C GLN A 346 -9.09 -20.16 -7.12
N GLY A 347 -9.59 -18.94 -6.85
CA GLY A 347 -10.00 -18.60 -5.51
C GLY A 347 -11.03 -17.50 -5.41
N THR A 348 -11.30 -17.07 -4.18
CA THR A 348 -12.35 -16.10 -3.89
C THR A 348 -11.74 -14.94 -3.10
N LEU A 349 -12.15 -13.72 -3.42
CA LEU A 349 -11.65 -12.51 -2.80
C LEU A 349 -12.79 -11.84 -2.02
N LEU A 350 -12.56 -11.54 -0.75
CA LEU A 350 -13.40 -10.65 0.02
C LEU A 350 -12.68 -9.31 0.10
N GLN A 351 -13.39 -8.21 -0.20
CA GLN A 351 -12.71 -6.90 -0.24
C GLN A 351 -13.66 -5.78 0.15
N ILE A 352 -13.09 -4.67 0.57
CA ILE A 352 -13.86 -3.47 0.82
C ILE A 352 -12.89 -2.29 0.77
N PHE A 353 -13.41 -1.12 0.43
CA PHE A 353 -12.60 0.06 0.19
C PHE A 353 -12.97 1.18 1.15
N THR A 354 -11.95 1.84 1.68
CA THR A 354 -12.22 3.03 2.48
C THR A 354 -12.45 4.23 1.59
N LYS A 355 -13.06 5.26 2.18
CA LYS A 355 -13.01 6.59 1.61
C LYS A 355 -11.58 7.08 1.66
N PRO A 356 -11.25 8.15 0.93
CA PRO A 356 -9.88 8.65 0.94
C PRO A 356 -9.35 8.89 2.35
N LEU A 357 -8.05 8.64 2.52
CA LEU A 357 -7.42 8.67 3.84
C LEU A 357 -7.22 10.08 4.36
N GLY A 358 -7.17 11.06 3.46
CA GLY A 358 -6.92 12.44 3.85
C GLY A 358 -7.82 13.42 3.13
N ASP A 359 -7.38 14.68 3.02
CA ASP A 359 -8.21 15.73 2.46
C ASP A 359 -8.55 15.49 0.99
N ARG A 360 -7.58 14.96 0.22
CA ARG A 360 -7.76 14.91 -1.23
C ARG A 360 -8.36 13.58 -1.64
N PRO A 361 -9.16 13.57 -2.73
CA PRO A 361 -9.73 12.31 -3.24
C PRO A 361 -8.69 11.52 -4.03
N THR A 362 -7.66 11.07 -3.32
CA THR A 362 -6.52 10.42 -3.93
C THR A 362 -6.32 9.05 -3.33
N ILE A 363 -5.49 8.93 -2.29
CA ILE A 363 -5.16 7.61 -1.74
C ILE A 363 -6.28 7.09 -0.84
N PHE A 364 -6.52 5.79 -0.90
CA PHE A 364 -7.46 5.10 0.00
C PHE A 364 -6.89 3.73 0.33
N ILE A 365 -7.60 2.97 1.18
CA ILE A 365 -7.16 1.66 1.61
C ILE A 365 -8.20 0.64 1.19
N GLU A 366 -7.72 -0.56 0.89
CA GLU A 366 -8.57 -1.72 0.67
C GLU A 366 -8.25 -2.74 1.75
N ILE A 367 -9.28 -3.33 2.34
CA ILE A 367 -9.10 -4.49 3.22
C ILE A 367 -9.52 -5.71 2.43
N ILE A 368 -8.71 -6.77 2.49
CA ILE A 368 -8.99 -7.98 1.73
C ILE A 368 -8.72 -9.22 2.56
N GLN A 369 -9.38 -10.31 2.17
CA GLN A 369 -9.01 -11.65 2.62
C GLN A 369 -9.27 -12.58 1.47
N ARG A 370 -8.37 -13.53 1.26
CA ARG A 370 -8.40 -14.44 0.12
C ARG A 370 -8.66 -15.87 0.58
N VAL A 371 -9.46 -16.59 -0.20
CA VAL A 371 -9.88 -17.95 0.14
C VAL A 371 -9.51 -18.86 -1.02
N GLY A 372 -8.72 -19.90 -0.73
CA GLY A 372 -8.35 -20.87 -1.73
C GLY A 372 -6.87 -20.91 -2.05
N CYS A 373 -6.51 -21.52 -3.17
CA CYS A 373 -5.13 -21.58 -3.66
C CYS A 373 -4.15 -22.03 -2.59
N MET A 374 -4.53 -23.10 -1.89
CA MET A 374 -3.65 -23.67 -0.87
C MET A 374 -2.68 -24.65 -1.54
N MET A 375 -1.39 -24.51 -1.22
CA MET A 375 -0.37 -25.39 -1.76
C MET A 375 0.29 -26.15 -0.61
N TYR A 383 0.62 -23.21 2.53
CA TYR A 383 0.63 -21.78 2.24
C TYR A 383 -0.35 -21.43 1.12
N GLN A 384 -0.70 -20.15 1.01
CA GLN A 384 -1.60 -19.66 -0.02
C GLN A 384 -0.80 -18.93 -1.08
N SER A 385 -1.07 -19.22 -2.35
CA SER A 385 -0.32 -18.57 -3.42
C SER A 385 -0.75 -17.11 -3.54
N GLY A 386 0.18 -16.27 -4.00
CA GLY A 386 -0.10 -14.85 -4.08
C GLY A 386 -1.21 -14.53 -5.06
N GLY A 387 -2.01 -13.52 -4.72
CA GLY A 387 -3.01 -13.05 -5.65
C GLY A 387 -4.22 -13.95 -5.82
N CYS A 388 -4.42 -14.90 -4.90
CA CYS A 388 -5.51 -15.86 -5.00
C CYS A 388 -6.87 -15.17 -5.08
N GLY A 389 -7.57 -15.37 -6.19
CA GLY A 389 -8.88 -14.80 -6.39
C GLY A 389 -8.88 -13.50 -7.16
N GLY A 390 -7.70 -12.94 -7.45
CA GLY A 390 -7.60 -11.78 -8.30
C GLY A 390 -7.61 -10.47 -7.55
N PHE A 391 -8.21 -9.44 -8.16
CA PHE A 391 -8.20 -8.10 -7.57
C PHE A 391 -9.58 -7.46 -7.55
N GLY A 392 -10.62 -8.22 -7.90
CA GLY A 392 -11.98 -7.74 -7.79
C GLY A 392 -12.48 -6.99 -9.00
N LYS A 393 -11.83 -7.14 -10.16
CA LYS A 393 -12.30 -6.43 -11.34
C LYS A 393 -13.72 -6.86 -11.73
N GLY A 394 -14.09 -8.10 -11.41
CA GLY A 394 -15.45 -8.54 -11.67
C GLY A 394 -16.49 -7.79 -10.88
N ASN A 395 -16.08 -7.07 -9.82
CA ASN A 395 -17.05 -6.36 -8.98
C ASN A 395 -17.49 -5.04 -9.58
N PHE A 396 -16.78 -4.52 -10.59
CA PHE A 396 -17.28 -3.34 -11.30
C PHE A 396 -18.57 -3.66 -12.03
N SER A 397 -18.58 -4.77 -12.79
CA SER A 397 -19.79 -5.17 -13.51
C SER A 397 -20.87 -5.62 -12.54
N GLU A 398 -20.50 -6.37 -11.50
CA GLU A 398 -21.51 -6.87 -10.55
C GLU A 398 -22.17 -5.74 -9.80
N LEU A 399 -21.40 -4.70 -9.43
CA LEU A 399 -21.98 -3.55 -8.76
C LEU A 399 -22.97 -2.82 -9.65
N PHE A 400 -22.64 -2.67 -10.94
CA PHE A 400 -23.52 -1.99 -11.87
C PHE A 400 -24.82 -2.77 -12.04
N LYS A 401 -24.73 -4.07 -12.33
CA LYS A 401 -25.92 -4.91 -12.38
C LYS A 401 -26.74 -4.79 -11.10
N SER A 402 -26.07 -4.87 -9.95
CA SER A 402 -26.72 -4.80 -8.65
C SER A 402 -27.42 -3.45 -8.43
N ILE A 403 -26.79 -2.36 -8.86
CA ILE A 403 -27.42 -1.05 -8.74
C ILE A 403 -28.67 -0.98 -9.61
N GLU A 404 -28.57 -1.48 -10.85
CA GLU A 404 -29.74 -1.49 -11.74
C GLU A 404 -30.87 -2.31 -11.15
N GLU A 405 -30.55 -3.50 -10.64
CA GLU A 405 -31.59 -4.39 -10.11
C GLU A 405 -32.29 -3.78 -8.91
N TYR A 406 -31.55 -3.12 -8.02
CA TYR A 406 -32.17 -2.52 -6.85
C TYR A 406 -33.03 -1.32 -7.21
N GLU A 407 -32.70 -0.62 -8.30
CA GLU A 407 -33.56 0.45 -8.78
C GLU A 407 -34.97 -0.08 -9.04
N LYS A 408 -35.08 -1.15 -9.83
CA LYS A 408 -36.32 -1.89 -10.03
C LYS A 408 -37.53 -1.00 -10.31
CO CO B . -6.93 -3.71 -4.95
C13 0I0 C . -13.15 -1.73 -6.90
C15 0I0 C . -10.86 -1.01 -6.70
C17 0I0 C . -14.97 -0.31 -6.50
C21 0I0 C . -9.71 0.00 -6.39
C22 0I0 C . -15.36 -2.63 -7.16
C26 0I0 C . -14.19 3.38 -5.78
C1 0I0 C . -6.00 -3.70 -9.49
C2 0I0 C . -6.90 -3.80 -10.71
C3 0I0 C . -7.62 -2.45 -10.94
C4 0I0 C . -8.44 -2.12 -9.69
C5 0I0 C . -7.98 -2.70 -8.34
C6 0I0 C . -6.84 -3.34 -8.24
C8 0I0 C . -8.94 -2.72 -7.12
C9 0I0 C . -10.45 -2.33 -7.08
C11 0I0 C . -11.35 -3.33 -7.35
C12 0I0 C . -12.72 -3.03 -7.27
C14 0I0 C . -12.26 -0.70 -6.60
C19 0I0 C . -12.80 0.55 -6.24
C25 0I0 C . -14.88 1.99 -5.83
C29 0I0 C . -12.53 5.04 -4.64
C30 0I0 C . -13.57 6.18 -4.34
C32 0I0 C . -13.69 8.55 -3.93
C33 0I0 C . -13.79 9.85 -4.50
C34 0I0 C . -14.46 10.82 -3.78
C35 0I0 C . -15.05 10.54 -2.46
C36 0I0 C . -14.91 9.27 -1.95
C37 0I0 C . -14.24 8.31 -2.69
C38 0I0 C . -14.64 12.19 -4.25
C39 0I0 C . -15.36 13.09 -3.37
C40 0I0 C . -15.82 12.67 -2.21
C41 0I0 C . -15.68 11.51 -1.79
C42 0I0 C . -13.27 10.25 -5.77
C43 0I0 C . -13.46 11.63 -6.25
C44 0I0 C . -14.16 12.62 -5.46
C45 0I0 C . -14.38 13.95 -5.83
C46 0I0 C . -15.06 14.79 -4.98
C47 0I0 C . -15.56 14.38 -3.78
N16 0I0 C . -14.46 -1.53 -6.85
N18 0I0 C . -14.14 0.74 -6.20
N27 0I0 C . -13.19 3.70 -4.72
O7 0I0 C . -6.34 -3.73 -6.98
O10 0I0 C . -8.48 -3.09 -6.08
O20 0I0 C . -9.40 -1.43 -9.74
O23 0I0 C . -12.11 1.50 -5.98
O24 0I0 C . -16.14 -0.18 -6.46
O28 0I0 C . -14.52 4.21 -6.56
O31 0I0 C . -13.01 7.46 -4.60
#